data_4RN3
#
_entry.id   4RN3
#
_cell.length_a   58.469
_cell.length_b   190.593
_cell.length_c   40.866
_cell.angle_alpha   90.000
_cell.angle_beta   90.000
_cell.angle_gamma   90.000
#
_symmetry.space_group_name_H-M   'P 21 21 2'
#
loop_
_entity.id
_entity.type
_entity.pdbx_description
1 polymer 'HAD superfamily hydrolase'
2 non-polymer 'MAGNESIUM ION'
3 non-polymer 1,2-ETHANEDIOL
4 water water
#
_entity_poly.entity_id   1
_entity_poly.type   'polypeptide(L)'
_entity_poly.pdbx_seq_one_letter_code
;G(MSE)AVSSNGGAIKAVIYDCDGV(MSE)FDSFEANLAFYQRI(MSE)E(MSE)(MSE)GRPRLSRDNEEQ(MSE)RIL
HTYANREVLAHFFPSPGDWEEAVRCAGAIDYRELVPL(MSE)I(MSE)EEGFREALDTLKGRVGLGVCTNRSTS(MSE)D
(MSE)VLRLFSLDSYFSIV(MSE)TASRVTNPKPHPEPLLKVLEHFGIGPREALFVGDSEVDRLSAEAAGVPFVAYKAPL
PAAYR(MSE)EHHREIIDLLG
;
_entity_poly.pdbx_strand_id   A,B
#
# COMPACT_ATOMS: atom_id res chain seq x y z
N VAL A 4 14.09 32.50 0.42
CA VAL A 4 14.41 33.69 1.21
C VAL A 4 13.15 34.20 1.96
N SER A 5 11.94 33.74 1.54
CA SER A 5 10.66 34.10 2.15
C SER A 5 10.38 35.64 2.07
N SER A 6 10.15 36.15 0.84
CA SER A 6 9.78 37.56 0.63
C SER A 6 8.25 37.69 0.42
N ASN A 7 7.53 36.55 0.37
CA ASN A 7 6.08 36.51 0.17
C ASN A 7 5.34 37.15 1.37
N GLY A 8 4.33 37.96 1.08
CA GLY A 8 3.49 38.59 2.10
C GLY A 8 2.42 37.68 2.64
N GLY A 9 2.17 36.56 1.93
CA GLY A 9 1.18 35.56 2.33
C GLY A 9 1.61 34.73 3.53
N ALA A 10 0.79 33.75 3.91
CA ALA A 10 1.02 32.94 5.10
C ALA A 10 2.07 31.83 4.85
N ILE A 11 2.18 31.37 3.59
CA ILE A 11 3.11 30.28 3.26
C ILE A 11 4.54 30.80 3.17
N LYS A 12 5.47 30.20 3.94
CA LYS A 12 6.88 30.62 3.97
C LYS A 12 7.78 29.61 3.24
N ALA A 13 7.26 28.38 2.99
CA ALA A 13 8.06 27.33 2.34
C ALA A 13 7.20 26.35 1.58
N VAL A 14 7.68 25.89 0.42
CA VAL A 14 6.98 24.86 -0.37
C VAL A 14 7.86 23.61 -0.45
N ILE A 15 7.30 22.43 -0.08
CA ILE A 15 8.05 21.18 -0.06
CA ILE A 15 8.04 21.16 -0.05
C ILE A 15 7.52 20.24 -1.15
N TYR A 16 8.42 19.66 -1.95
CA TYR A 16 8.03 18.78 -3.05
C TYR A 16 8.44 17.33 -2.80
N ASP A 17 7.54 16.42 -3.09
CA ASP A 17 7.85 15.00 -3.25
C ASP A 17 8.58 14.81 -4.58
N CYS A 18 9.35 13.73 -4.75
CA CYS A 18 10.10 13.54 -5.99
C CYS A 18 9.26 12.76 -7.04
N ASP A 19 9.15 11.43 -6.88
CA ASP A 19 8.52 10.55 -7.88
C ASP A 19 7.01 10.89 -8.05
N GLY A 20 6.62 11.20 -9.28
CA GLY A 20 5.24 11.54 -9.62
C GLY A 20 4.92 13.02 -9.48
N VAL A 21 5.85 13.79 -8.90
CA VAL A 21 5.63 15.22 -8.65
C VAL A 21 6.70 16.04 -9.37
N PHE A 23 9.40 14.34 -11.05
CA PHE A 23 9.80 13.51 -12.19
C PHE A 23 8.85 12.37 -12.42
N ASP A 24 8.88 11.83 -13.64
CA ASP A 24 8.29 10.55 -13.96
C ASP A 24 9.40 9.56 -14.24
N SER A 25 9.49 8.49 -13.44
CA SER A 25 10.63 7.56 -13.54
C SER A 25 10.26 6.23 -14.27
N PHE A 26 9.09 6.19 -14.94
CA PHE A 26 8.63 4.97 -15.63
C PHE A 26 9.66 4.49 -16.67
N GLU A 27 10.15 5.39 -17.53
CA GLU A 27 11.12 5.02 -18.59
C GLU A 27 12.45 4.57 -17.98
N ALA A 28 12.83 5.14 -16.82
CA ALA A 28 14.04 4.75 -16.12
C ALA A 28 13.88 3.36 -15.47
N ASN A 29 12.70 3.10 -14.88
CA ASN A 29 12.41 1.79 -14.27
C ASN A 29 12.26 0.71 -15.34
N LEU A 30 11.65 1.06 -16.50
CA LEU A 30 11.49 0.12 -17.61
C LEU A 30 12.85 -0.29 -18.17
N ALA A 31 13.73 0.70 -18.44
CA ALA A 31 15.08 0.43 -18.96
C ALA A 31 15.89 -0.40 -17.97
N PHE A 32 15.67 -0.20 -16.65
CA PHE A 32 16.34 -0.98 -15.62
C PHE A 32 16.02 -2.50 -15.74
N TYR A 33 14.71 -2.84 -15.93
CA TYR A 33 14.30 -4.23 -16.01
C TYR A 33 14.57 -4.82 -17.40
N GLN A 34 14.55 -3.97 -18.46
CA GLN A 34 14.90 -4.42 -19.82
C GLN A 34 16.35 -4.89 -19.86
N ARG A 35 17.26 -4.17 -19.17
CA ARG A 35 18.67 -4.54 -19.09
C ARG A 35 18.84 -5.85 -18.33
N ILE A 36 18.02 -6.07 -17.27
CA ILE A 36 18.06 -7.32 -16.50
C ILE A 36 17.65 -8.50 -17.41
N GLU A 38 18.00 -8.64 -20.66
CA GLU A 38 19.08 -8.84 -21.62
C GLU A 38 20.23 -9.64 -20.99
N GLY A 41 19.23 -13.20 -20.60
CA GLY A 41 18.89 -13.82 -21.88
C GLY A 41 17.41 -14.02 -22.07
N ARG A 42 16.59 -13.24 -21.35
CA ARG A 42 15.14 -13.32 -21.42
C ARG A 42 14.58 -12.32 -22.45
N PRO A 43 13.41 -12.60 -23.06
CA PRO A 43 12.84 -11.63 -24.01
C PRO A 43 12.55 -10.28 -23.35
N ARG A 44 12.60 -9.19 -24.13
CA ARG A 44 12.31 -7.86 -23.62
C ARG A 44 10.87 -7.75 -23.21
N LEU A 45 10.60 -6.87 -22.25
CA LEU A 45 9.23 -6.58 -21.85
C LEU A 45 8.53 -5.73 -22.92
N SER A 46 7.22 -5.88 -23.04
CA SER A 46 6.46 -5.14 -24.05
C SER A 46 5.59 -4.06 -23.40
N ARG A 47 5.65 -2.82 -23.94
CA ARG A 47 4.80 -1.72 -23.48
C ARG A 47 3.32 -2.03 -23.72
N ASP A 48 3.03 -2.88 -24.74
CA ASP A 48 1.66 -3.23 -25.12
C ASP A 48 1.08 -4.31 -24.18
N ASN A 49 1.95 -5.01 -23.42
CA ASN A 49 1.51 -6.01 -22.44
C ASN A 49 1.01 -5.31 -21.18
N GLU A 50 -0.32 -5.35 -20.94
CA GLU A 50 -0.96 -4.63 -19.84
C GLU A 50 -0.52 -5.19 -18.47
N GLU A 51 -0.47 -6.55 -18.34
CA GLU A 51 -0.09 -7.21 -17.08
CA GLU A 51 -0.11 -7.19 -17.07
C GLU A 51 1.34 -6.86 -16.67
N GLN A 52 2.29 -6.95 -17.63
CA GLN A 52 3.72 -6.64 -17.37
C GLN A 52 3.87 -5.19 -16.91
N ARG A 54 1.50 -3.26 -15.55
CA ARG A 54 0.83 -3.16 -14.24
C ARG A 54 1.81 -3.57 -13.13
N ILE A 55 2.61 -4.62 -13.38
CA ILE A 55 3.61 -5.10 -12.43
C ILE A 55 4.71 -4.05 -12.24
N LEU A 56 5.19 -3.45 -13.35
CA LEU A 56 6.23 -2.42 -13.27
C LEU A 56 5.71 -1.15 -12.57
N HIS A 57 4.39 -0.85 -12.68
CA HIS A 57 3.82 0.35 -12.06
C HIS A 57 3.51 0.15 -10.56
N THR A 58 3.08 -1.08 -10.16
CA THR A 58 2.60 -1.30 -8.78
C THR A 58 3.64 -2.09 -7.91
N TYR A 59 4.20 -3.20 -8.43
CA TYR A 59 5.11 -4.07 -7.65
C TYR A 59 6.39 -3.34 -7.24
N ALA A 60 7.03 -3.77 -6.14
CA ALA A 60 8.33 -3.26 -5.71
C ALA A 60 9.46 -4.08 -6.35
N ASN A 61 10.68 -3.52 -6.35
CA ASN A 61 11.85 -4.13 -7.02
C ASN A 61 11.96 -5.66 -6.75
N ARG A 62 11.92 -6.07 -5.47
CA ARG A 62 12.09 -7.48 -5.09
C ARG A 62 10.99 -8.36 -5.71
N GLU A 63 9.74 -7.89 -5.69
CA GLU A 63 8.60 -8.68 -6.18
C GLU A 63 8.56 -8.70 -7.71
N VAL A 64 9.07 -7.64 -8.37
CA VAL A 64 9.16 -7.62 -9.84
C VAL A 64 10.08 -8.76 -10.31
N LEU A 65 11.28 -8.88 -9.69
CA LEU A 65 12.25 -9.93 -10.04
C LEU A 65 11.73 -11.31 -9.66
N ALA A 66 11.03 -11.42 -8.52
CA ALA A 66 10.46 -12.69 -8.06
C ALA A 66 9.34 -13.16 -8.99
N HIS A 67 8.70 -12.22 -9.71
CA HIS A 67 7.61 -12.55 -10.60
C HIS A 67 8.14 -13.07 -11.95
N PHE A 68 9.13 -12.36 -12.55
CA PHE A 68 9.62 -12.70 -13.88
C PHE A 68 10.65 -13.84 -13.83
N PHE A 69 11.16 -14.17 -12.64
CA PHE A 69 12.14 -15.25 -12.51
C PHE A 69 11.66 -16.31 -11.48
N PRO A 70 10.63 -17.13 -11.83
CA PRO A 70 10.12 -18.12 -10.87
C PRO A 70 10.87 -19.48 -10.97
N SER A 71 11.58 -19.72 -12.10
CA SER A 71 12.38 -20.95 -12.27
C SER A 71 13.50 -21.01 -11.21
N PRO A 72 13.73 -22.20 -10.59
CA PRO A 72 14.69 -22.28 -9.47
C PRO A 72 16.12 -21.87 -9.89
N GLY A 73 16.71 -20.95 -9.12
CA GLY A 73 18.08 -20.50 -9.35
C GLY A 73 18.17 -19.21 -10.14
N ASP A 74 17.09 -18.85 -10.86
CA ASP A 74 17.10 -17.66 -11.72
C ASP A 74 16.96 -16.36 -10.91
N TRP A 75 16.20 -16.39 -9.78
CA TRP A 75 15.98 -15.20 -8.96
C TRP A 75 17.31 -14.70 -8.35
N GLU A 76 18.17 -15.62 -7.90
CA GLU A 76 19.46 -15.28 -7.30
C GLU A 76 20.37 -14.58 -8.33
N GLU A 77 20.36 -15.06 -9.59
CA GLU A 77 21.14 -14.47 -10.67
C GLU A 77 20.54 -13.12 -11.10
N ALA A 78 19.19 -12.99 -11.01
CA ALA A 78 18.49 -11.75 -11.38
C ALA A 78 18.83 -10.61 -10.40
N VAL A 79 18.91 -10.94 -9.07
CA VAL A 79 19.28 -9.95 -8.05
C VAL A 79 20.75 -9.53 -8.24
N ARG A 80 21.60 -10.48 -8.67
CA ARG A 80 23.01 -10.19 -8.93
CA ARG A 80 23.02 -10.21 -8.95
C ARG A 80 23.15 -9.21 -10.11
N CYS A 81 22.31 -9.37 -11.17
CA CYS A 81 22.30 -8.47 -12.33
C CYS A 81 21.81 -7.07 -11.93
N ALA A 82 20.74 -7.00 -11.11
CA ALA A 82 20.17 -5.72 -10.67
C ALA A 82 21.19 -4.86 -9.90
N GLY A 83 21.98 -5.51 -9.03
CA GLY A 83 23.01 -4.84 -8.26
C GLY A 83 24.22 -4.44 -9.07
N ALA A 84 24.39 -5.04 -10.27
CA ALA A 84 25.52 -4.73 -11.15
C ALA A 84 25.25 -3.46 -11.98
N ILE A 85 23.96 -3.09 -12.15
CA ILE A 85 23.59 -1.93 -12.96
C ILE A 85 23.91 -0.60 -12.19
N ASP A 86 24.65 0.29 -12.83
CA ASP A 86 24.94 1.62 -12.29
C ASP A 86 23.74 2.54 -12.52
N TYR A 87 22.98 2.85 -11.45
CA TYR A 87 21.74 3.65 -11.54
C TYR A 87 22.02 5.09 -12.07
N ARG A 88 23.29 5.52 -12.02
CA ARG A 88 23.71 6.83 -12.52
C ARG A 88 23.42 6.95 -14.05
N GLU A 89 23.43 5.80 -14.76
CA GLU A 89 23.11 5.75 -16.20
C GLU A 89 21.59 5.82 -16.45
N LEU A 90 20.79 5.54 -15.40
CA LEU A 90 19.33 5.50 -15.54
C LEU A 90 18.68 6.83 -15.11
N VAL A 91 19.38 7.66 -14.29
CA VAL A 91 18.87 8.97 -13.85
C VAL A 91 18.48 9.88 -15.09
N PRO A 92 19.30 9.90 -16.19
CA PRO A 92 18.95 10.77 -17.32
C PRO A 92 17.66 10.34 -18.04
N LEU A 93 17.15 9.12 -17.74
CA LEU A 93 15.90 8.63 -18.36
C LEU A 93 14.67 9.18 -17.66
N ILE A 95 11.93 11.75 -16.53
CA ILE A 95 11.32 12.85 -17.28
C ILE A 95 10.75 13.85 -16.29
N GLU A 97 8.59 16.66 -14.69
CA GLU A 97 7.19 17.06 -14.89
C GLU A 97 7.11 18.43 -15.54
N GLU A 98 6.17 18.62 -16.48
CA GLU A 98 6.10 19.86 -17.26
C GLU A 98 5.88 21.09 -16.35
N GLY A 99 6.66 22.14 -16.62
CA GLY A 99 6.55 23.40 -15.90
C GLY A 99 7.17 23.42 -14.52
N PHE A 100 7.81 22.29 -14.08
CA PHE A 100 8.35 22.20 -12.72
C PHE A 100 9.49 23.20 -12.49
N ARG A 101 10.51 23.24 -13.39
CA ARG A 101 11.64 24.16 -13.25
C ARG A 101 11.16 25.61 -13.34
N GLU A 102 10.23 25.89 -14.28
CA GLU A 102 9.62 27.22 -14.43
C GLU A 102 8.90 27.64 -13.15
N ALA A 103 8.24 26.67 -12.44
CA ALA A 103 7.54 26.95 -11.18
C ALA A 103 8.53 27.26 -10.06
N LEU A 104 9.67 26.50 -10.00
CA LEU A 104 10.73 26.76 -9.01
C LEU A 104 11.31 28.15 -9.20
N ASP A 105 11.53 28.56 -10.47
CA ASP A 105 12.05 29.92 -10.79
C ASP A 105 11.08 31.01 -10.33
N THR A 106 9.77 30.71 -10.36
CA THR A 106 8.73 31.66 -9.93
C THR A 106 8.68 31.74 -8.41
N LEU A 107 9.02 30.62 -7.73
CA LEU A 107 8.98 30.54 -6.27
C LEU A 107 10.28 31.05 -5.64
N LYS A 108 11.44 30.81 -6.28
CA LYS A 108 12.75 31.10 -5.68
C LYS A 108 12.83 32.56 -5.19
N GLY A 109 13.22 32.73 -3.92
CA GLY A 109 13.30 34.06 -3.29
C GLY A 109 12.01 34.48 -2.62
N ARG A 110 10.85 33.96 -3.10
CA ARG A 110 9.55 34.27 -2.52
C ARG A 110 9.23 33.36 -1.34
N VAL A 111 9.63 32.08 -1.44
CA VAL A 111 9.42 31.09 -0.38
C VAL A 111 10.64 30.19 -0.26
N GLY A 112 10.80 29.55 0.89
CA GLY A 112 11.80 28.51 1.07
C GLY A 112 11.42 27.26 0.27
N LEU A 113 12.44 26.53 -0.23
CA LEU A 113 12.17 25.36 -1.07
C LEU A 113 12.85 24.12 -0.50
N GLY A 114 12.11 23.02 -0.45
CA GLY A 114 12.61 21.77 0.08
C GLY A 114 12.15 20.56 -0.67
N VAL A 115 12.84 19.41 -0.46
CA VAL A 115 12.45 18.12 -1.03
C VAL A 115 12.20 17.14 0.11
N CYS A 116 11.16 16.33 -0.02
CA CYS A 116 10.90 15.26 0.94
C CYS A 116 10.61 13.97 0.20
N THR A 117 11.60 13.06 0.16
CA THR A 117 11.49 11.82 -0.60
C THR A 117 11.77 10.62 0.27
N ASN A 118 11.26 9.43 -0.12
CA ASN A 118 11.59 8.19 0.57
C ASN A 118 12.82 7.51 -0.11
N ARG A 119 13.40 8.17 -1.14
CA ARG A 119 14.66 7.72 -1.76
C ARG A 119 15.79 7.78 -0.74
N SER A 120 16.83 6.92 -0.88
CA SER A 120 17.93 6.86 0.10
C SER A 120 19.20 7.55 -0.39
N THR A 121 19.77 7.07 -1.51
CA THR A 121 21.09 7.55 -1.97
C THR A 121 20.97 8.41 -3.22
N SER A 122 19.90 8.23 -3.97
CA SER A 122 19.83 8.74 -5.31
C SER A 122 19.42 10.24 -5.39
N ASP A 124 20.16 13.34 -4.00
CA ASP A 124 21.20 14.36 -4.23
C ASP A 124 21.79 14.22 -5.66
N VAL A 126 20.19 12.91 -8.32
CA VAL A 126 19.12 13.34 -9.25
C VAL A 126 19.13 14.88 -9.39
N LEU A 127 19.24 15.60 -8.25
CA LEU A 127 19.24 17.08 -8.22
C LEU A 127 20.46 17.65 -8.95
N ARG A 128 21.62 16.99 -8.79
CA ARG A 128 22.86 17.43 -9.43
CA ARG A 128 22.86 17.43 -9.43
C ARG A 128 22.81 17.23 -10.96
N LEU A 129 22.38 16.03 -11.40
CA LEU A 129 22.35 15.72 -12.84
C LEU A 129 21.30 16.57 -13.60
N PHE A 130 20.21 17.00 -12.92
CA PHE A 130 19.17 17.82 -13.57
C PHE A 130 19.31 19.32 -13.20
N SER A 131 20.45 19.71 -12.61
CA SER A 131 20.74 21.13 -12.27
C SER A 131 19.58 21.75 -11.41
N LEU A 132 19.12 21.03 -10.37
CA LEU A 132 18.08 21.52 -9.48
C LEU A 132 18.64 21.78 -8.07
N ASP A 133 19.98 21.64 -7.92
CA ASP A 133 20.66 21.76 -6.61
C ASP A 133 20.90 23.24 -6.22
N SER A 134 20.41 24.18 -7.03
CA SER A 134 20.52 25.60 -6.69
C SER A 134 19.21 26.11 -6.06
N TYR A 135 18.21 25.21 -5.87
CA TYR A 135 16.90 25.64 -5.44
C TYR A 135 16.60 25.29 -3.98
N PHE A 136 16.99 24.09 -3.55
CA PHE A 136 16.51 23.54 -2.28
C PHE A 136 17.53 23.70 -1.15
N SER A 137 17.09 24.32 -0.03
CA SER A 137 17.95 24.49 1.15
C SER A 137 17.91 23.24 2.05
N ILE A 138 16.84 22.43 1.95
CA ILE A 138 16.76 21.17 2.67
C ILE A 138 16.32 20.03 1.72
N VAL A 139 17.02 18.90 1.77
CA VAL A 139 16.67 17.73 0.97
C VAL A 139 16.49 16.55 1.91
N THR A 141 15.63 12.88 2.91
CA THR A 141 15.64 11.55 2.32
C THR A 141 15.39 10.50 3.41
N ALA A 142 15.26 9.22 3.02
CA ALA A 142 15.07 8.14 4.00
C ALA A 142 16.36 7.92 4.85
N SER A 143 17.54 8.23 4.27
CA SER A 143 18.81 8.06 4.99
C SER A 143 19.05 9.22 5.99
N ARG A 144 18.20 10.25 5.96
CA ARG A 144 18.37 11.42 6.83
C ARG A 144 17.27 11.47 7.91
N VAL A 145 16.47 10.40 8.02
CA VAL A 145 15.45 10.27 9.07
C VAL A 145 15.45 8.85 9.63
N THR A 146 14.98 8.68 10.88
CA THR A 146 14.80 7.35 11.46
C THR A 146 13.53 6.72 10.89
N ASN A 147 12.47 7.52 10.70
CA ASN A 147 11.19 7.05 10.22
C ASN A 147 10.75 7.83 8.99
N PRO A 148 10.75 7.21 7.80
CA PRO A 148 10.35 7.94 6.59
C PRO A 148 8.82 8.04 6.46
N LYS A 149 8.34 8.72 5.40
CA LYS A 149 6.88 8.80 5.12
C LYS A 149 6.26 7.37 5.11
N PRO A 150 5.04 7.16 5.68
CA PRO A 150 4.03 8.17 6.06
C PRO A 150 4.20 8.74 7.49
N HIS A 151 5.37 8.51 8.12
CA HIS A 151 5.66 9.12 9.43
CA HIS A 151 5.66 9.12 9.43
C HIS A 151 5.91 10.63 9.25
N PRO A 152 5.49 11.49 10.24
CA PRO A 152 5.63 12.96 10.04
C PRO A 152 7.10 13.46 10.17
N GLU A 153 8.02 12.63 10.72
CA GLU A 153 9.41 13.06 11.03
C GLU A 153 10.06 13.93 9.89
N PRO A 154 10.09 13.44 8.60
CA PRO A 154 10.80 14.21 7.55
C PRO A 154 10.23 15.63 7.38
N LEU A 155 8.90 15.79 7.47
CA LEU A 155 8.28 17.11 7.35
C LEU A 155 8.49 17.96 8.62
N LEU A 156 8.57 17.31 9.79
CA LEU A 156 8.85 18.01 11.05
C LEU A 156 10.28 18.59 11.05
N LYS A 157 11.23 17.90 10.38
CA LYS A 157 12.61 18.40 10.26
C LYS A 157 12.67 19.58 9.29
N VAL A 158 11.77 19.61 8.30
CA VAL A 158 11.69 20.72 7.36
C VAL A 158 11.20 22.00 8.08
N LEU A 159 10.20 21.86 8.98
CA LEU A 159 9.65 23.00 9.76
C LEU A 159 10.72 23.56 10.70
N GLU A 160 11.50 22.65 11.34
CA GLU A 160 12.60 23.06 12.21
C GLU A 160 13.70 23.75 11.40
N HIS A 161 13.93 23.29 10.14
CA HIS A 161 14.94 23.86 9.24
C HIS A 161 14.61 25.32 8.91
N PHE A 162 13.32 25.62 8.58
CA PHE A 162 12.91 26.99 8.21
C PHE A 162 12.48 27.82 9.43
N GLY A 163 12.40 27.16 10.61
CA GLY A 163 11.94 27.82 11.83
C GLY A 163 10.51 28.32 11.72
N ILE A 164 9.63 27.54 11.07
CA ILE A 164 8.25 27.96 10.82
C ILE A 164 7.26 26.97 11.46
N GLY A 165 5.99 27.37 11.49
CA GLY A 165 4.89 26.53 11.94
C GLY A 165 4.38 25.60 10.84
N PRO A 166 3.64 24.53 11.21
CA PRO A 166 3.20 23.56 10.19
C PRO A 166 2.28 24.20 9.13
N ARG A 167 1.46 25.19 9.53
CA ARG A 167 0.50 25.79 8.60
CA ARG A 167 0.50 25.81 8.61
C ARG A 167 1.17 26.94 7.78
N GLU A 168 2.49 27.11 7.93
CA GLU A 168 3.24 28.08 7.14
C GLU A 168 3.97 27.39 5.98
N ALA A 169 3.70 26.09 5.78
CA ALA A 169 4.35 25.32 4.74
C ALA A 169 3.34 24.54 3.92
N LEU A 170 3.69 24.23 2.67
CA LEU A 170 2.88 23.38 1.81
C LEU A 170 3.67 22.16 1.40
N PHE A 171 3.03 20.97 1.41
CA PHE A 171 3.68 19.76 0.94
C PHE A 171 2.97 19.21 -0.29
N VAL A 172 3.67 19.20 -1.44
CA VAL A 172 3.11 18.74 -2.70
C VAL A 172 3.47 17.27 -2.92
N GLY A 173 2.46 16.40 -2.95
CA GLY A 173 2.65 14.96 -3.12
C GLY A 173 1.62 14.33 -4.05
N ASP A 174 1.88 13.10 -4.49
CA ASP A 174 0.97 12.40 -5.41
C ASP A 174 0.49 11.06 -4.80
N SER A 175 1.01 10.69 -3.61
CA SER A 175 0.71 9.38 -3.00
C SER A 175 0.02 9.52 -1.65
N GLU A 176 -0.62 8.44 -1.19
CA GLU A 176 -1.28 8.40 0.12
C GLU A 176 -0.25 8.59 1.28
N VAL A 177 0.98 8.01 1.14
CA VAL A 177 2.03 8.14 2.17
C VAL A 177 2.44 9.63 2.33
N ASP A 178 2.42 10.40 1.22
CA ASP A 178 2.69 11.84 1.28
C ASP A 178 1.60 12.55 2.07
N ARG A 179 0.33 12.18 1.82
CA ARG A 179 -0.81 12.80 2.49
C ARG A 179 -0.81 12.48 4.01
N LEU A 180 -0.53 11.22 4.37
CA LEU A 180 -0.54 10.78 5.77
C LEU A 180 0.58 11.44 6.55
N SER A 181 1.75 11.61 5.93
CA SER A 181 2.87 12.31 6.55
C SER A 181 2.50 13.78 6.84
N ALA A 182 1.86 14.46 5.86
CA ALA A 182 1.43 15.86 6.02
C ALA A 182 0.35 15.99 7.10
N GLU A 183 -0.61 15.02 7.12
N GLU A 183 -0.60 15.03 7.15
CA GLU A 183 -1.70 14.96 8.10
CA GLU A 183 -1.68 15.06 8.14
C GLU A 183 -1.13 14.83 9.53
C GLU A 183 -1.15 14.84 9.57
N ALA A 184 -0.17 13.92 9.73
CA ALA A 184 0.42 13.66 11.05
C ALA A 184 1.32 14.84 11.50
N ALA A 185 1.88 15.60 10.54
CA ALA A 185 2.72 16.77 10.85
C ALA A 185 1.86 18.05 10.99
N GLY A 186 0.64 18.01 10.46
CA GLY A 186 -0.25 19.16 10.47
C GLY A 186 0.07 20.17 9.38
N VAL A 187 0.78 19.71 8.34
CA VAL A 187 1.16 20.56 7.22
C VAL A 187 0.09 20.49 6.12
N PRO A 188 -0.47 21.66 5.67
CA PRO A 188 -1.46 21.63 4.58
C PRO A 188 -0.91 20.89 3.34
N PHE A 189 -1.65 19.90 2.87
CA PHE A 189 -1.21 19.05 1.77
C PHE A 189 -1.74 19.56 0.43
N VAL A 190 -0.92 19.46 -0.64
CA VAL A 190 -1.32 19.82 -1.99
C VAL A 190 -1.26 18.58 -2.90
N ALA A 191 -2.42 18.11 -3.40
CA ALA A 191 -2.48 16.94 -4.25
C ALA A 191 -2.08 17.29 -5.68
N TYR A 192 -1.08 16.60 -6.23
CA TYR A 192 -0.61 16.87 -7.59
C TYR A 192 -1.07 15.76 -8.53
N LYS A 193 -2.09 16.05 -9.39
CA LYS A 193 -2.63 15.09 -10.38
C LYS A 193 -3.05 13.76 -9.69
N ALA A 194 -3.56 13.84 -8.44
CA ALA A 194 -3.86 12.64 -7.66
C ALA A 194 -5.21 12.75 -6.96
N PRO A 195 -5.94 11.61 -6.81
CA PRO A 195 -7.25 11.67 -6.14
C PRO A 195 -7.11 11.58 -4.62
N LEU A 196 -6.54 12.62 -4.00
CA LEU A 196 -6.28 12.61 -2.56
C LEU A 196 -6.94 13.78 -1.87
N PRO A 197 -7.60 13.56 -0.71
CA PRO A 197 -8.12 14.70 0.07
C PRO A 197 -6.98 15.60 0.51
N ALA A 198 -7.06 16.89 0.17
CA ALA A 198 -5.97 17.82 0.43
C ALA A 198 -6.48 19.23 0.66
N ALA A 199 -5.62 20.12 1.18
CA ALA A 199 -5.96 21.54 1.35
C ALA A 199 -6.12 22.21 -0.01
N TYR A 200 -5.25 21.84 -0.99
CA TYR A 200 -5.33 22.32 -2.37
C TYR A 200 -5.02 21.21 -3.34
N ARG A 201 -5.25 21.43 -4.62
CA ARG A 201 -4.80 20.49 -5.61
C ARG A 201 -4.29 21.21 -6.83
N GLU A 203 -3.22 20.71 -11.14
CA GLU A 203 -3.15 19.91 -12.36
C GLU A 203 -1.89 20.30 -13.16
N HIS A 204 -1.32 21.49 -12.86
CA HIS A 204 -0.06 21.95 -13.44
C HIS A 204 0.78 22.66 -12.36
N HIS A 205 2.13 22.52 -12.43
CA HIS A 205 3.04 23.09 -11.43
C HIS A 205 2.94 24.64 -11.36
N ARG A 206 2.47 25.30 -12.43
CA ARG A 206 2.40 26.78 -12.47
C ARG A 206 1.40 27.33 -11.41
N GLU A 207 0.47 26.47 -10.93
CA GLU A 207 -0.61 26.90 -10.00
C GLU A 207 -0.08 27.23 -8.59
N ILE A 208 1.15 26.74 -8.26
CA ILE A 208 1.70 26.89 -6.90
C ILE A 208 1.79 28.39 -6.47
N ILE A 209 2.05 29.30 -7.44
CA ILE A 209 2.23 30.74 -7.15
C ILE A 209 0.91 31.35 -6.58
N ASP A 210 -0.24 30.70 -6.82
CA ASP A 210 -1.54 31.22 -6.38
C ASP A 210 -1.97 30.58 -5.05
N LEU A 211 -1.16 29.65 -4.50
CA LEU A 211 -1.53 28.92 -3.27
C LEU A 211 -0.72 29.41 -2.05
N LEU A 212 -0.02 30.55 -2.19
CA LEU A 212 0.90 31.03 -1.15
C LEU A 212 0.20 31.98 -0.16
N GLY A 213 -1.07 32.30 -0.42
CA GLY A 213 -1.86 33.23 0.42
C GLY A 213 -1.92 32.76 1.87
N ALA B 10 -34.67 -12.71 5.53
CA ALA B 10 -34.31 -12.77 6.95
C ALA B 10 -32.88 -12.22 7.18
N ILE B 11 -32.00 -12.34 6.16
CA ILE B 11 -30.60 -11.90 6.28
C ILE B 11 -30.52 -10.37 6.14
N LYS B 12 -29.92 -9.70 7.14
CA LYS B 12 -29.79 -8.25 7.16
C LYS B 12 -28.35 -7.81 6.87
N ALA B 13 -27.37 -8.75 7.00
CA ALA B 13 -25.95 -8.42 6.81
C ALA B 13 -25.16 -9.64 6.32
N VAL B 14 -24.20 -9.41 5.42
CA VAL B 14 -23.31 -10.47 4.95
C VAL B 14 -21.86 -10.14 5.36
N ILE B 15 -21.18 -11.10 6.04
CA ILE B 15 -19.82 -10.89 6.55
C ILE B 15 -18.84 -11.77 5.79
N TYR B 16 -17.74 -11.18 5.31
CA TYR B 16 -16.76 -11.92 4.53
C TYR B 16 -15.44 -12.07 5.27
N ASP B 17 -14.86 -13.27 5.22
CA ASP B 17 -13.47 -13.51 5.55
C ASP B 17 -12.60 -12.95 4.42
N CYS B 18 -11.34 -12.64 4.70
CA CYS B 18 -10.49 -12.07 3.66
C CYS B 18 -9.76 -13.17 2.85
N ASP B 19 -8.68 -13.75 3.43
CA ASP B 19 -7.82 -14.71 2.73
C ASP B 19 -8.59 -15.99 2.34
N GLY B 20 -8.59 -16.28 1.03
CA GLY B 20 -9.25 -17.46 0.48
C GLY B 20 -10.70 -17.21 0.10
N VAL B 21 -11.24 -16.04 0.47
CA VAL B 21 -12.64 -15.71 0.20
C VAL B 21 -12.72 -14.43 -0.65
N PHE B 23 -9.74 -12.59 -1.41
CA PHE B 23 -8.50 -12.55 -2.17
C PHE B 23 -7.76 -13.87 -2.08
N ASP B 24 -6.89 -14.13 -3.08
CA ASP B 24 -5.88 -15.14 -2.94
C ASP B 24 -4.58 -14.44 -2.60
N SER B 25 -4.13 -14.61 -1.36
CA SER B 25 -3.04 -13.86 -0.81
C SER B 25 -1.78 -14.70 -0.72
N PHE B 26 -1.76 -15.88 -1.36
CA PHE B 26 -0.63 -16.79 -1.29
C PHE B 26 0.68 -16.10 -1.74
N GLU B 27 0.67 -15.44 -2.92
CA GLU B 27 1.87 -14.80 -3.46
C GLU B 27 2.30 -13.61 -2.58
N ALA B 28 1.33 -12.93 -1.95
CA ALA B 28 1.64 -11.82 -1.06
C ALA B 28 2.25 -12.32 0.25
N ASN B 29 1.69 -13.44 0.80
CA ASN B 29 2.20 -14.05 2.02
C ASN B 29 3.56 -14.65 1.80
N LEU B 30 3.77 -15.30 0.63
CA LEU B 30 5.05 -15.91 0.29
C LEU B 30 6.15 -14.85 0.22
N ALA B 31 5.90 -13.74 -0.53
CA ALA B 31 6.87 -12.64 -0.67
C ALA B 31 7.19 -12.02 0.70
N PHE B 32 6.18 -11.96 1.60
CA PHE B 32 6.34 -11.40 2.94
C PHE B 32 7.37 -12.23 3.76
N TYR B 33 7.26 -13.58 3.73
CA TYR B 33 8.15 -14.44 4.49
C TYR B 33 9.50 -14.60 3.80
N GLN B 34 9.53 -14.51 2.44
CA GLN B 34 10.80 -14.55 1.70
C GLN B 34 11.70 -13.38 2.11
N ARG B 35 11.09 -12.18 2.28
CA ARG B 35 11.83 -10.98 2.72
C ARG B 35 12.33 -11.14 4.17
N ILE B 36 11.53 -11.81 5.04
CA ILE B 36 11.95 -12.09 6.42
C ILE B 36 13.18 -13.01 6.42
N GLU B 38 15.43 -13.22 4.05
CA GLU B 38 16.55 -12.39 3.59
CA GLU B 38 16.55 -12.38 3.58
C GLU B 38 17.12 -11.55 4.74
N GLY B 41 18.96 -13.69 7.18
CA GLY B 41 20.07 -14.41 6.57
C GLY B 41 19.80 -15.88 6.37
N ARG B 42 18.51 -16.25 6.33
CA ARG B 42 18.08 -17.64 6.17
C ARG B 42 17.84 -17.96 4.69
N PRO B 43 17.96 -19.25 4.28
CA PRO B 43 17.73 -19.59 2.87
C PRO B 43 16.29 -19.29 2.43
N ARG B 44 16.09 -19.11 1.11
CA ARG B 44 14.79 -18.79 0.51
C ARG B 44 13.84 -20.01 0.56
N LEU B 45 12.54 -19.80 0.95
CA LEU B 45 11.54 -20.89 1.02
C LEU B 45 11.31 -21.49 -0.37
N SER B 46 10.97 -22.79 -0.43
CA SER B 46 10.76 -23.48 -1.70
C SER B 46 9.28 -23.73 -1.96
N ARG B 47 8.81 -23.39 -3.20
CA ARG B 47 7.42 -23.65 -3.61
C ARG B 47 7.14 -25.16 -3.65
N ASP B 48 8.20 -25.97 -3.85
CA ASP B 48 8.08 -27.43 -3.96
C ASP B 48 7.94 -28.09 -2.57
N ASN B 49 8.32 -27.36 -1.49
CA ASN B 49 8.18 -27.86 -0.13
C ASN B 49 6.73 -27.73 0.33
N GLU B 50 6.02 -28.87 0.47
CA GLU B 50 4.59 -28.89 0.80
C GLU B 50 4.32 -28.33 2.21
N GLU B 51 5.14 -28.74 3.21
CA GLU B 51 4.93 -28.32 4.61
C GLU B 51 5.13 -26.80 4.76
N GLN B 52 6.22 -26.25 4.16
CA GLN B 52 6.49 -24.80 4.21
C GLN B 52 5.33 -24.01 3.61
N ARG B 54 2.12 -24.97 3.25
CA ARG B 54 0.87 -25.15 4.00
C ARG B 54 0.82 -24.25 5.27
N ILE B 55 2.00 -23.94 5.86
CA ILE B 55 2.06 -23.16 7.10
C ILE B 55 1.72 -21.66 6.83
N LEU B 56 2.37 -21.05 5.83
CA LEU B 56 2.19 -19.61 5.54
C LEU B 56 0.84 -19.33 4.84
N HIS B 57 0.23 -20.36 4.23
CA HIS B 57 -1.03 -20.20 3.49
C HIS B 57 -2.25 -20.42 4.40
N THR B 58 -2.02 -20.82 5.67
CA THR B 58 -3.13 -21.12 6.58
C THR B 58 -3.06 -20.25 7.86
N TYR B 59 -1.89 -20.21 8.53
CA TYR B 59 -1.78 -19.54 9.83
C TYR B 59 -0.83 -18.33 9.76
N ALA B 60 -0.87 -17.48 10.82
CA ALA B 60 0.03 -16.33 10.94
C ALA B 60 1.17 -16.65 11.94
N ASN B 61 1.22 -17.91 12.45
CA ASN B 61 2.25 -18.35 13.41
C ASN B 61 3.49 -18.92 12.66
N ARG B 62 3.69 -18.49 11.40
CA ARG B 62 4.82 -18.97 10.58
C ARG B 62 6.13 -18.36 11.07
N GLY B 73 14.40 -18.21 21.02
CA GLY B 73 15.48 -17.54 20.32
C GLY B 73 15.21 -17.36 18.84
N ASP B 74 15.76 -16.25 18.25
CA ASP B 74 15.59 -15.92 16.80
C ASP B 74 14.13 -15.47 16.48
N TRP B 75 13.14 -15.98 17.25
CA TRP B 75 11.73 -15.62 17.07
C TRP B 75 11.51 -14.12 17.35
N GLU B 76 12.17 -13.58 18.38
CA GLU B 76 12.06 -12.16 18.75
C GLU B 76 12.58 -11.26 17.62
N GLU B 77 13.70 -11.67 16.97
CA GLU B 77 14.28 -10.94 15.84
C GLU B 77 13.40 -11.07 14.60
N ALA B 78 12.75 -12.25 14.43
CA ALA B 78 11.86 -12.50 13.28
C ALA B 78 10.62 -11.61 13.34
N VAL B 79 10.02 -11.43 14.55
CA VAL B 79 8.85 -10.57 14.74
C VAL B 79 9.24 -9.09 14.49
N ARG B 80 10.49 -8.72 14.87
CA ARG B 80 11.02 -7.37 14.65
C ARG B 80 11.12 -7.09 13.15
N CYS B 81 11.57 -8.10 12.35
CA CYS B 81 11.71 -7.97 10.89
C CYS B 81 10.33 -7.85 10.24
N ALA B 82 9.34 -8.67 10.70
CA ALA B 82 7.98 -8.68 10.15
C ALA B 82 7.31 -7.28 10.28
N GLY B 83 7.51 -6.64 11.43
CA GLY B 83 6.96 -5.32 11.70
C GLY B 83 7.67 -4.20 10.94
N ALA B 84 8.89 -4.48 10.46
CA ALA B 84 9.68 -3.49 9.72
C ALA B 84 9.28 -3.44 8.23
N ILE B 85 8.67 -4.52 7.71
CA ILE B 85 8.28 -4.61 6.30
C ILE B 85 7.08 -3.72 6.03
N ASP B 86 7.15 -2.88 4.98
CA ASP B 86 6.01 -2.07 4.55
C ASP B 86 5.02 -2.95 3.76
N TYR B 87 3.90 -3.38 4.42
CA TYR B 87 2.96 -4.30 3.80
C TYR B 87 2.25 -3.64 2.61
N ARG B 88 2.36 -2.31 2.49
CA ARG B 88 1.77 -1.55 1.38
C ARG B 88 2.36 -2.03 0.02
N GLU B 89 3.62 -2.50 0.04
CA GLU B 89 4.29 -3.02 -1.16
C GLU B 89 3.80 -4.44 -1.51
N LEU B 90 3.21 -5.16 -0.54
CA LEU B 90 2.79 -6.55 -0.72
C LEU B 90 1.31 -6.65 -1.13
N VAL B 91 0.51 -5.64 -0.79
CA VAL B 91 -0.93 -5.65 -1.07
C VAL B 91 -1.23 -5.85 -2.61
N PRO B 92 -0.43 -5.23 -3.53
CA PRO B 92 -0.72 -5.41 -4.97
C PRO B 92 -0.51 -6.87 -5.44
N LEU B 93 0.16 -7.71 -4.61
CA LEU B 93 0.42 -9.13 -4.97
C LEU B 93 -0.83 -9.99 -4.75
N ILE B 95 -4.57 -11.37 -5.27
CA ILE B 95 -5.44 -11.54 -6.43
C ILE B 95 -6.89 -11.70 -5.97
N GLU B 97 -10.72 -12.66 -5.70
CA GLU B 97 -11.51 -13.80 -6.14
C GLU B 97 -12.51 -13.38 -7.20
N GLU B 98 -12.69 -14.25 -8.22
CA GLU B 98 -13.54 -13.95 -9.37
C GLU B 98 -14.99 -13.63 -8.95
N GLY B 99 -15.53 -12.51 -9.47
CA GLY B 99 -16.92 -12.12 -9.25
C GLY B 99 -17.19 -11.49 -7.89
N PHE B 100 -16.14 -11.30 -7.06
CA PHE B 100 -16.34 -10.79 -5.69
C PHE B 100 -16.92 -9.35 -5.69
N ARG B 101 -16.27 -8.40 -6.38
CA ARG B 101 -16.76 -7.03 -6.37
C ARG B 101 -18.15 -6.94 -7.08
N GLU B 102 -18.34 -7.73 -8.17
CA GLU B 102 -19.66 -7.81 -8.85
C GLU B 102 -20.75 -8.30 -7.87
N ALA B 103 -20.39 -9.23 -6.95
CA ALA B 103 -21.32 -9.72 -5.93
C ALA B 103 -21.64 -8.63 -4.89
N LEU B 104 -20.60 -7.85 -4.48
CA LEU B 104 -20.79 -6.72 -3.56
C LEU B 104 -21.73 -5.68 -4.14
N ASP B 105 -21.60 -5.41 -5.47
CA ASP B 105 -22.47 -4.46 -6.17
C ASP B 105 -23.94 -4.94 -6.17
N THR B 106 -24.15 -6.28 -6.20
CA THR B 106 -25.51 -6.83 -6.18
CA THR B 106 -25.53 -6.81 -6.17
C THR B 106 -26.08 -6.78 -4.75
N LEU B 107 -25.18 -6.83 -3.74
CA LEU B 107 -25.60 -6.81 -2.32
C LEU B 107 -25.78 -5.39 -1.79
N LYS B 108 -24.94 -4.43 -2.25
CA LYS B 108 -24.93 -3.06 -1.69
C LYS B 108 -26.33 -2.44 -1.69
N GLY B 109 -26.75 -1.94 -0.53
CA GLY B 109 -28.08 -1.35 -0.37
C GLY B 109 -29.13 -2.35 0.08
N ARG B 110 -28.92 -3.64 -0.26
CA ARG B 110 -29.88 -4.70 0.09
C ARG B 110 -29.57 -5.26 1.46
N VAL B 111 -28.27 -5.39 1.80
CA VAL B 111 -27.84 -5.90 3.11
C VAL B 111 -26.65 -5.09 3.61
N GLY B 112 -26.41 -5.15 4.93
CA GLY B 112 -25.20 -4.60 5.53
C GLY B 112 -24.00 -5.44 5.16
N LEU B 113 -22.85 -4.80 5.00
CA LEU B 113 -21.65 -5.53 4.57
C LEU B 113 -20.50 -5.33 5.58
N GLY B 114 -19.84 -6.42 5.92
CA GLY B 114 -18.75 -6.38 6.87
C GLY B 114 -17.61 -7.32 6.54
N VAL B 115 -16.45 -7.09 7.17
CA VAL B 115 -15.29 -7.95 7.02
C VAL B 115 -14.88 -8.50 8.41
N CYS B 116 -14.51 -9.79 8.47
CA CYS B 116 -13.99 -10.40 9.68
C CYS B 116 -12.74 -11.18 9.37
N THR B 117 -11.58 -10.62 9.74
CA THR B 117 -10.29 -11.23 9.42
C THR B 117 -9.43 -11.40 10.68
N ASN B 118 -8.47 -12.36 10.63
CA ASN B 118 -7.48 -12.52 11.69
C ASN B 118 -6.22 -11.69 11.38
N ARG B 119 -6.25 -10.90 10.25
CA ARG B 119 -5.18 -9.95 9.94
C ARG B 119 -5.10 -8.91 11.03
N SER B 120 -3.89 -8.54 11.41
CA SER B 120 -3.69 -7.62 12.52
C SER B 120 -4.01 -6.18 12.11
N THR B 121 -3.35 -5.67 11.03
CA THR B 121 -3.39 -4.22 10.73
C THR B 121 -3.56 -3.93 9.19
N SER B 122 -3.24 -4.91 8.34
CA SER B 122 -3.19 -4.72 6.87
C SER B 122 -4.60 -4.55 6.21
N ASP B 124 -7.49 -2.65 6.47
CA ASP B 124 -7.95 -1.33 5.99
C ASP B 124 -7.17 -0.90 4.76
N VAL B 126 -5.64 -2.96 2.58
CA VAL B 126 -6.08 -3.84 1.48
C VAL B 126 -7.36 -3.28 0.83
N LEU B 127 -8.35 -2.89 1.65
CA LEU B 127 -9.64 -2.39 1.17
C LEU B 127 -9.48 -1.07 0.40
N ARG B 128 -8.62 -0.18 0.88
N ARG B 128 -8.61 -0.18 0.86
CA ARG B 128 -8.39 1.11 0.26
CA ARG B 128 -8.43 1.12 0.22
C ARG B 128 -7.69 0.95 -1.11
C ARG B 128 -7.67 0.98 -1.12
N LEU B 129 -6.64 0.12 -1.18
CA LEU B 129 -5.86 -0.06 -2.42
C LEU B 129 -6.67 -0.80 -3.52
N PHE B 130 -7.63 -1.67 -3.12
CA PHE B 130 -8.48 -2.37 -4.10
C PHE B 130 -9.86 -1.69 -4.25
N SER B 131 -10.01 -0.44 -3.72
CA SER B 131 -11.25 0.36 -3.84
C SER B 131 -12.49 -0.43 -3.35
N LEU B 132 -12.38 -1.12 -2.19
CA LEU B 132 -13.49 -1.87 -1.61
C LEU B 132 -13.97 -1.24 -0.31
N ASP B 133 -13.25 -0.24 0.21
CA ASP B 133 -13.56 0.33 1.54
C ASP B 133 -14.99 0.93 1.61
N SER B 134 -15.51 1.44 0.46
CA SER B 134 -16.83 2.10 0.41
C SER B 134 -18.00 1.11 0.68
N TYR B 135 -17.76 -0.21 0.53
CA TYR B 135 -18.81 -1.24 0.68
C TYR B 135 -19.08 -1.59 2.16
N PHE B 136 -18.02 -1.63 2.99
CA PHE B 136 -18.14 -2.22 4.34
C PHE B 136 -18.27 -1.14 5.42
N SER B 137 -19.31 -1.28 6.27
CA SER B 137 -19.52 -0.36 7.39
C SER B 137 -18.70 -0.80 8.63
N ILE B 138 -18.36 -2.11 8.72
CA ILE B 138 -17.51 -2.60 9.82
C ILE B 138 -16.39 -3.48 9.26
N VAL B 139 -15.18 -3.29 9.77
CA VAL B 139 -14.04 -4.09 9.38
C VAL B 139 -13.35 -4.67 10.64
N THR B 141 -10.78 -6.86 12.79
CA THR B 141 -9.41 -7.41 12.68
C THR B 141 -8.95 -7.98 14.04
N ALA B 142 -7.77 -8.66 14.06
CA ALA B 142 -7.20 -9.22 15.30
C ALA B 142 -6.78 -8.11 16.29
N SER B 143 -6.35 -6.93 15.77
CA SER B 143 -5.94 -5.81 16.62
C SER B 143 -7.16 -5.07 17.21
N ARG B 144 -8.39 -5.41 16.74
CA ARG B 144 -9.62 -4.75 17.19
C ARG B 144 -10.46 -5.67 18.10
N VAL B 145 -9.89 -6.83 18.49
CA VAL B 145 -10.54 -7.76 19.43
C VAL B 145 -9.50 -8.30 20.42
N THR B 146 -9.96 -8.73 21.60
CA THR B 146 -9.07 -9.37 22.56
C THR B 146 -8.82 -10.83 22.14
N ASN B 147 -9.86 -11.49 21.61
CA ASN B 147 -9.77 -12.88 21.18
C ASN B 147 -10.21 -13.04 19.72
N PRO B 148 -9.27 -13.35 18.81
CA PRO B 148 -9.65 -13.49 17.39
C PRO B 148 -10.28 -14.86 17.10
N LYS B 149 -10.69 -15.10 15.83
CA LYS B 149 -11.21 -16.41 15.41
C LYS B 149 -10.21 -17.54 15.82
N PRO B 150 -10.68 -18.72 16.32
CA PRO B 150 -12.06 -19.25 16.24
C PRO B 150 -12.97 -18.80 17.41
N HIS B 151 -12.54 -17.79 18.18
CA HIS B 151 -13.39 -17.21 19.23
C HIS B 151 -14.55 -16.40 18.59
N PRO B 152 -15.77 -16.38 19.19
CA PRO B 152 -16.91 -15.70 18.53
C PRO B 152 -16.84 -14.16 18.63
N GLU B 153 -15.95 -13.61 19.50
CA GLU B 153 -15.89 -12.14 19.79
C GLU B 153 -16.00 -11.26 18.48
N PRO B 154 -15.13 -11.48 17.43
CA PRO B 154 -15.18 -10.58 16.26
C PRO B 154 -16.57 -10.56 15.58
N LEU B 155 -17.24 -11.73 15.49
CA LEU B 155 -18.57 -11.82 14.88
C LEU B 155 -19.64 -11.22 15.80
N LEU B 156 -19.44 -11.32 17.14
CA LEU B 156 -20.37 -10.75 18.12
C LEU B 156 -20.35 -9.21 18.04
N LYS B 157 -19.16 -8.63 17.74
CA LYS B 157 -19.03 -7.17 17.59
C LYS B 157 -19.71 -6.69 16.29
N VAL B 158 -19.75 -7.56 15.26
CA VAL B 158 -20.43 -7.26 14.00
C VAL B 158 -21.95 -7.19 14.23
N LEU B 159 -22.50 -8.14 15.03
CA LEU B 159 -23.94 -8.19 15.33
C LEU B 159 -24.35 -6.96 16.15
N GLU B 160 -23.49 -6.54 17.09
CA GLU B 160 -23.72 -5.33 17.89
C GLU B 160 -23.65 -4.08 16.99
N HIS B 161 -22.75 -4.10 15.98
CA HIS B 161 -22.60 -3.00 15.03
C HIS B 161 -23.89 -2.76 14.23
N PHE B 162 -24.51 -3.85 13.71
CA PHE B 162 -25.72 -3.73 12.90
C PHE B 162 -27.00 -3.75 13.77
N GLY B 163 -26.85 -4.04 15.08
CA GLY B 163 -27.98 -4.18 15.99
C GLY B 163 -28.89 -5.31 15.57
N ILE B 164 -28.28 -6.44 15.16
CA ILE B 164 -28.97 -7.54 14.50
C ILE B 164 -28.68 -8.88 15.25
N GLY B 165 -29.62 -9.83 15.17
CA GLY B 165 -29.47 -11.14 15.78
C GLY B 165 -28.52 -12.04 15.02
N PRO B 166 -27.99 -13.11 15.67
CA PRO B 166 -26.99 -13.96 14.98
C PRO B 166 -27.54 -14.63 13.71
N ARG B 167 -28.85 -15.02 13.72
CA ARG B 167 -29.48 -15.71 12.58
C ARG B 167 -29.88 -14.72 11.47
N GLU B 168 -29.63 -13.42 11.67
CA GLU B 168 -29.94 -12.41 10.66
C GLU B 168 -28.68 -12.04 9.85
N ALA B 169 -27.58 -12.78 10.07
CA ALA B 169 -26.33 -12.51 9.38
C ALA B 169 -25.75 -13.78 8.77
N LEU B 170 -24.94 -13.63 7.72
CA LEU B 170 -24.22 -14.76 7.12
C LEU B 170 -22.73 -14.50 7.20
N PHE B 171 -21.94 -15.55 7.54
CA PHE B 171 -20.49 -15.41 7.57
C PHE B 171 -19.86 -16.33 6.52
N VAL B 172 -19.22 -15.74 5.51
CA VAL B 172 -18.60 -16.48 4.42
C VAL B 172 -17.11 -16.71 4.73
N GLY B 173 -16.73 -17.98 4.90
CA GLY B 173 -15.34 -18.35 5.22
C GLY B 173 -14.86 -19.57 4.46
N ASP B 174 -13.54 -19.82 4.48
CA ASP B 174 -12.96 -20.95 3.76
C ASP B 174 -12.18 -21.89 4.72
N SER B 175 -12.07 -21.50 6.01
CA SER B 175 -11.25 -22.25 6.96
C SER B 175 -12.09 -22.79 8.12
N GLU B 176 -11.54 -23.84 8.82
CA GLU B 176 -12.15 -24.45 10.01
C GLU B 176 -12.32 -23.40 11.11
N VAL B 177 -11.34 -22.50 11.23
CA VAL B 177 -11.33 -21.41 12.20
C VAL B 177 -12.57 -20.47 12.00
N ASP B 178 -12.90 -20.14 10.74
CA ASP B 178 -14.07 -19.32 10.38
C ASP B 178 -15.38 -20.02 10.80
N ARG B 179 -15.44 -21.35 10.56
CA ARG B 179 -16.62 -22.15 10.89
C ARG B 179 -16.86 -22.21 12.41
N LEU B 180 -15.77 -22.41 13.21
CA LEU B 180 -15.88 -22.52 14.67
C LEU B 180 -16.31 -21.18 15.29
N SER B 181 -15.81 -20.05 14.74
CA SER B 181 -16.21 -18.73 15.21
C SER B 181 -17.69 -18.49 14.97
N ALA B 182 -18.19 -18.89 13.76
CA ALA B 182 -19.62 -18.74 13.41
C ALA B 182 -20.50 -19.63 14.29
N GLU B 183 -20.03 -20.87 14.56
CA GLU B 183 -20.77 -21.80 15.40
C GLU B 183 -20.90 -21.28 16.84
N ALA B 184 -19.79 -20.76 17.41
CA ALA B 184 -19.79 -20.23 18.77
C ALA B 184 -20.63 -18.94 18.89
N ALA B 185 -20.74 -18.18 17.79
CA ALA B 185 -21.54 -16.94 17.76
C ALA B 185 -23.01 -17.23 17.40
N GLY B 186 -23.26 -18.40 16.82
CA GLY B 186 -24.60 -18.80 16.38
C GLY B 186 -24.97 -18.18 15.06
N VAL B 187 -23.97 -17.76 14.28
CA VAL B 187 -24.19 -17.15 12.97
C VAL B 187 -24.17 -18.22 11.87
N PRO B 188 -25.23 -18.32 11.03
CA PRO B 188 -25.20 -19.31 9.92
C PRO B 188 -23.96 -19.14 9.05
N PHE B 189 -23.21 -20.22 8.85
CA PHE B 189 -21.94 -20.18 8.13
C PHE B 189 -22.12 -20.54 6.65
N VAL B 190 -21.37 -19.87 5.76
CA VAL B 190 -21.38 -20.16 4.32
C VAL B 190 -19.98 -20.61 3.89
N ALA B 191 -19.83 -21.87 3.46
CA ALA B 191 -18.53 -22.40 3.03
C ALA B 191 -18.22 -21.95 1.61
N TYR B 192 -17.07 -21.29 1.41
CA TYR B 192 -16.67 -20.82 0.09
C TYR B 192 -15.54 -21.68 -0.49
N LYS B 193 -15.87 -22.54 -1.51
CA LYS B 193 -14.89 -23.45 -2.15
C LYS B 193 -14.13 -24.30 -1.10
N ALA B 194 -14.81 -24.70 -0.01
CA ALA B 194 -14.16 -25.41 1.08
C ALA B 194 -15.02 -26.58 1.56
N PRO B 195 -14.39 -27.72 1.95
CA PRO B 195 -15.17 -28.85 2.45
C PRO B 195 -15.51 -28.70 3.94
N LEU B 196 -16.40 -27.76 4.26
CA LEU B 196 -16.75 -27.47 5.64
C LEU B 196 -18.25 -27.63 5.87
N PRO B 197 -18.67 -28.28 6.98
CA PRO B 197 -20.11 -28.30 7.30
C PRO B 197 -20.63 -26.88 7.53
N ALA B 198 -21.67 -26.49 6.77
CA ALA B 198 -22.16 -25.11 6.82
C ALA B 198 -23.64 -25.05 6.53
N ALA B 199 -24.27 -23.89 6.82
CA ALA B 199 -25.68 -23.67 6.49
C ALA B 199 -25.86 -23.62 4.97
N TYR B 200 -24.90 -23.00 4.25
CA TYR B 200 -24.90 -22.95 2.79
C TYR B 200 -23.48 -23.16 2.25
N ARG B 201 -23.36 -23.48 0.93
CA ARG B 201 -22.06 -23.63 0.24
C ARG B 201 -22.05 -22.83 -1.08
N GLU B 203 -19.74 -21.98 -4.76
CA GLU B 203 -18.62 -22.25 -5.66
CA GLU B 203 -18.61 -22.24 -5.63
C GLU B 203 -18.24 -20.98 -6.41
N HIS B 204 -19.18 -20.01 -6.47
CA HIS B 204 -18.94 -18.69 -7.07
C HIS B 204 -19.60 -17.61 -6.20
N HIS B 205 -18.96 -16.41 -6.10
CA HIS B 205 -19.47 -15.32 -5.26
C HIS B 205 -20.87 -14.83 -5.69
N ARG B 206 -21.26 -15.05 -6.97
CA ARG B 206 -22.56 -14.58 -7.48
C ARG B 206 -23.75 -15.24 -6.75
N GLU B 207 -23.52 -16.41 -6.09
CA GLU B 207 -24.57 -17.22 -5.45
C GLU B 207 -25.12 -16.54 -4.18
N ILE B 208 -24.38 -15.56 -3.60
CA ILE B 208 -24.75 -14.94 -2.31
C ILE B 208 -26.17 -14.28 -2.39
N ILE B 209 -26.54 -13.74 -3.57
CA ILE B 209 -27.83 -13.03 -3.75
C ILE B 209 -29.03 -14.01 -3.53
N ASP B 210 -28.80 -15.32 -3.65
CA ASP B 210 -29.86 -16.31 -3.51
C ASP B 210 -29.92 -16.90 -2.08
N LEU B 211 -29.01 -16.46 -1.20
CA LEU B 211 -28.92 -17.00 0.17
C LEU B 211 -29.44 -16.01 1.23
N LEU B 212 -30.11 -14.92 0.78
CA LEU B 212 -30.57 -13.87 1.68
C LEU B 212 -31.98 -14.16 2.23
#